data_6ELW
#
_entry.id   6ELW
#
_cell.length_a   32.963
_cell.length_b   69.000
_cell.length_c   35.666
_cell.angle_alpha   90.00
_cell.angle_beta   115.12
_cell.angle_gamma   90.00
#
_symmetry.space_group_name_H-M   'P 1 21 1'
#
loop_
_entity.id
_entity.type
_entity.pdbx_description
1 polymer 'Phospholipid hydroperoxide glutathione peroxidase, mitochondrial'
2 non-polymer 'CHLORIDE ION'
3 water water
#
_entity_poly.entity_id   1
_entity_poly.type   'polypeptide(L)'
_entity_poly.pdbx_seq_one_letter_code
;MGSSHHHHHHSSGLVPRGSHMLEAASRDDWRAARSMHEFSAKDIDGHMVNLDKYRGFVSIVTNVASQ(SE7)GKTEVNYT
QLVDLHARYAEAGLRILAFPSNQFGKQEPGSNEEIKEFAAGYNVKFDMFSKIAVNGDDAHPLWKWMKIQPKGKGILGNAI
KWNFTKFLIDKNGAVVKRYGPMEEPLVIEKDLPHYF
;
_entity_poly.pdbx_strand_id   A
#
# COMPACT_ATOMS: atom_id res chain seq x y z
N ASP A 28 14.38 12.51 13.41
CA ASP A 28 13.80 11.63 12.35
C ASP A 28 13.99 10.15 12.69
N ASP A 29 13.21 9.72 13.68
CA ASP A 29 13.26 8.34 14.23
C ASP A 29 12.94 7.26 13.21
N TRP A 30 12.19 7.64 12.18
CA TRP A 30 11.83 6.70 11.16
C TRP A 30 13.03 6.02 10.48
N ARG A 31 14.16 6.74 10.39
CA ARG A 31 15.30 6.25 9.70
C ARG A 31 15.88 5.01 10.40
N ALA A 32 15.79 4.97 11.72
CA ALA A 32 16.39 3.89 12.53
C ALA A 32 15.44 2.69 12.74
N ALA A 33 14.21 2.77 12.23
CA ALA A 33 13.25 1.67 12.37
C ALA A 33 13.72 0.47 11.56
N ARG A 34 13.32 -0.70 12.03
CA ARG A 34 13.66 -1.96 11.34
C ARG A 34 12.44 -2.74 10.87
N SER A 35 11.24 -2.19 11.02
CA SER A 35 10.02 -2.90 10.65
C SER A 35 8.89 -1.93 10.36
N MET A 36 8.03 -2.30 9.42
N MET A 36 8.05 -2.29 9.40
CA MET A 36 6.74 -1.61 9.20
CA MET A 36 6.77 -1.62 9.16
C MET A 36 5.97 -1.47 10.49
C MET A 36 5.96 -1.49 10.45
N HIS A 37 6.12 -2.47 11.35
CA HIS A 37 5.31 -2.54 12.57
C HIS A 37 5.65 -1.51 13.63
N GLU A 38 6.72 -0.74 13.38
CA GLU A 38 7.07 0.38 14.24
C GLU A 38 6.28 1.65 13.96
N PHE A 39 5.50 1.68 12.88
CA PHE A 39 4.80 2.84 12.44
C PHE A 39 3.33 2.78 12.78
N SER A 40 2.71 3.96 12.69
CA SER A 40 1.25 4.13 12.77
C SER A 40 0.75 5.01 11.65
N ALA A 41 -0.53 4.87 11.31
CA ALA A 41 -1.10 5.70 10.26
C ALA A 41 -2.59 5.87 10.45
N LYS A 42 -3.11 7.05 10.10
N LYS A 42 -3.09 7.03 10.05
CA LYS A 42 -4.56 7.29 10.16
CA LYS A 42 -4.52 7.32 10.11
C LYS A 42 -5.28 6.55 9.04
C LYS A 42 -5.28 6.56 9.02
N ASP A 43 -6.31 5.79 9.41
CA ASP A 43 -7.12 5.08 8.43
C ASP A 43 -8.05 6.08 7.74
N ILE A 44 -8.80 5.64 6.73
CA ILE A 44 -9.57 6.58 5.93
C ILE A 44 -10.71 7.23 6.69
N ASP A 45 -11.08 6.63 7.84
CA ASP A 45 -12.10 7.24 8.74
C ASP A 45 -11.50 8.17 9.80
N GLY A 46 -10.18 8.30 9.85
CA GLY A 46 -9.52 9.17 10.81
C GLY A 46 -9.05 8.47 12.06
N HIS A 47 -9.20 7.15 12.14
CA HIS A 47 -8.76 6.34 13.32
C HIS A 47 -7.27 6.08 13.20
N MET A 48 -6.52 6.32 14.28
CA MET A 48 -5.07 6.06 14.25
C MET A 48 -4.80 4.58 14.44
N VAL A 49 -4.24 3.96 13.43
CA VAL A 49 -3.95 2.53 13.41
C VAL A 49 -2.49 2.33 13.76
N ASN A 50 -2.23 1.50 14.77
CA ASN A 50 -0.88 1.03 15.05
C ASN A 50 -0.58 -0.14 14.12
N LEU A 51 0.44 0.00 13.25
CA LEU A 51 0.71 -1.01 12.24
C LEU A 51 1.28 -2.29 12.81
N ASP A 52 1.55 -2.32 14.11
CA ASP A 52 1.79 -3.59 14.75
C ASP A 52 0.61 -4.59 14.67
N LYS A 53 -0.57 -4.12 14.29
CA LYS A 53 -1.66 -5.06 14.01
C LYS A 53 -1.34 -6.03 12.89
N TYR A 54 -0.37 -5.70 12.03
CA TYR A 54 0.02 -6.56 10.93
C TYR A 54 1.16 -7.53 11.27
N ARG A 55 1.62 -7.52 12.52
CA ARG A 55 2.64 -8.47 12.94
C ARG A 55 2.10 -9.89 12.83
N GLY A 56 2.85 -10.71 12.08
CA GLY A 56 2.44 -12.08 11.78
C GLY A 56 1.74 -12.29 10.46
N PHE A 57 1.50 -11.19 9.75
CA PHE A 57 0.79 -11.23 8.48
C PHE A 57 1.72 -10.84 7.34
N VAL A 58 1.48 -11.37 6.15
CA VAL A 58 2.14 -10.89 4.93
C VAL A 58 1.30 -9.73 4.41
N SER A 59 1.96 -8.61 4.13
CA SER A 59 1.21 -7.40 3.79
C SER A 59 1.67 -6.84 2.44
N ILE A 60 0.71 -6.30 1.70
CA ILE A 60 1.01 -5.50 0.51
C ILE A 60 0.65 -4.06 0.84
N VAL A 61 1.61 -3.15 0.66
CA VAL A 61 1.40 -1.72 0.92
C VAL A 61 1.46 -1.05 -0.45
N THR A 62 0.45 -0.26 -0.80
CA THR A 62 0.38 0.37 -2.11
C THR A 62 -0.16 1.78 -2.02
N ASN A 63 0.32 2.64 -2.93
CA ASN A 63 -0.24 3.99 -3.07
C ASN A 63 -1.28 3.96 -4.18
N VAL A 64 -2.47 4.46 -3.90
CA VAL A 64 -3.61 4.36 -4.81
C VAL A 64 -4.07 5.76 -5.29
N ALA A 65 -4.90 5.76 -6.34
CA ALA A 65 -5.46 6.96 -6.91
C ALA A 65 -6.71 6.54 -7.66
N SER A 66 -7.71 7.42 -7.69
CA SER A 66 -9.00 7.11 -8.29
C SER A 66 -9.07 7.49 -9.75
N GLN A 67 -8.15 8.35 -10.19
CA GLN A 67 -8.25 8.94 -11.54
C GLN A 67 -7.08 8.62 -12.43
N GLY A 69 -5.35 5.76 -15.34
CA GLY A 69 -5.66 4.78 -16.37
C GLY A 69 -5.64 3.34 -15.86
N LYS A 70 -4.78 3.07 -14.87
N LYS A 70 -4.79 3.07 -14.87
CA LYS A 70 -4.67 1.75 -14.25
CA LYS A 70 -4.70 1.74 -14.27
C LYS A 70 -5.46 1.55 -12.95
C LYS A 70 -5.46 1.56 -12.94
N THR A 71 -6.31 2.51 -12.58
CA THR A 71 -7.13 2.41 -11.38
C THR A 71 -7.95 1.11 -11.35
N GLU A 72 -8.69 0.85 -12.41
CA GLU A 72 -9.57 -0.31 -12.44
C GLU A 72 -8.82 -1.64 -12.29
N VAL A 73 -7.76 -1.85 -13.06
CA VAL A 73 -7.04 -3.11 -12.97
C VAL A 73 -6.40 -3.31 -11.59
N ASN A 74 -5.87 -2.24 -11.00
CA ASN A 74 -5.26 -2.36 -9.69
C ASN A 74 -6.29 -2.66 -8.61
N TYR A 75 -7.38 -1.90 -8.56
CA TYR A 75 -8.36 -2.19 -7.51
C TYR A 75 -8.96 -3.58 -7.68
N THR A 76 -9.34 -3.97 -8.89
N THR A 76 -9.35 -3.93 -8.90
CA THR A 76 -10.01 -5.27 -9.06
CA THR A 76 -9.95 -5.23 -9.20
C THR A 76 -9.05 -6.42 -8.71
C THR A 76 -9.06 -6.39 -8.75
N GLN A 77 -7.78 -6.31 -9.10
CA GLN A 77 -6.84 -7.37 -8.80
C GLN A 77 -6.45 -7.44 -7.32
N LEU A 78 -6.34 -6.27 -6.66
CA LEU A 78 -6.11 -6.31 -5.21
C LEU A 78 -7.26 -6.98 -4.46
N VAL A 79 -8.48 -6.67 -4.88
CA VAL A 79 -9.66 -7.27 -4.30
C VAL A 79 -9.63 -8.80 -4.51
N ASP A 80 -9.29 -9.23 -5.72
N ASP A 80 -9.27 -9.22 -5.72
CA ASP A 80 -9.15 -10.67 -6.02
CA ASP A 80 -9.16 -10.65 -6.03
C ASP A 80 -8.07 -11.35 -5.13
C ASP A 80 -8.07 -11.37 -5.19
N LEU A 81 -6.90 -10.73 -5.02
CA LEU A 81 -5.83 -11.28 -4.16
C LEU A 81 -6.30 -11.39 -2.73
N HIS A 82 -6.97 -10.34 -2.24
CA HIS A 82 -7.46 -10.38 -0.87
C HIS A 82 -8.50 -11.49 -0.66
N ALA A 83 -9.42 -11.66 -1.62
CA ALA A 83 -10.42 -12.70 -1.51
C ALA A 83 -9.76 -14.09 -1.45
N ARG A 84 -8.71 -14.28 -2.25
CA ARG A 84 -8.10 -15.62 -2.34
C ARG A 84 -7.13 -15.94 -1.21
N TYR A 85 -6.51 -14.91 -0.60
CA TYR A 85 -5.44 -15.14 0.37
C TYR A 85 -5.62 -14.51 1.75
N ALA A 86 -6.70 -13.76 2.02
CA ALA A 86 -6.91 -13.25 3.38
C ALA A 86 -6.89 -14.36 4.42
N GLU A 87 -7.49 -15.50 4.06
CA GLU A 87 -7.59 -16.63 5.01
C GLU A 87 -6.26 -17.29 5.33
N ALA A 88 -5.23 -17.06 4.50
CA ALA A 88 -3.88 -17.56 4.75
C ALA A 88 -3.01 -16.54 5.49
N GLY A 89 -3.52 -15.32 5.63
CA GLY A 89 -2.79 -14.23 6.30
C GLY A 89 -2.34 -13.07 5.43
N LEU A 90 -2.88 -12.93 4.21
CA LEU A 90 -2.55 -11.72 3.40
C LEU A 90 -3.39 -10.54 3.91
N ARG A 91 -2.71 -9.39 4.06
CA ARG A 91 -3.38 -8.13 4.35
C ARG A 91 -2.94 -7.08 3.34
N ILE A 92 -3.81 -6.11 3.05
CA ILE A 92 -3.49 -5.07 2.07
C ILE A 92 -3.79 -3.72 2.72
N LEU A 93 -2.80 -2.81 2.61
CA LEU A 93 -2.86 -1.45 3.11
C LEU A 93 -2.77 -0.49 1.92
N ALA A 94 -3.88 0.22 1.66
CA ALA A 94 -3.95 1.15 0.53
C ALA A 94 -3.92 2.61 1.01
N PHE A 95 -2.92 3.35 0.51
CA PHE A 95 -2.68 4.73 0.88
C PHE A 95 -2.97 5.62 -0.33
N PRO A 96 -4.08 6.35 -0.30
CA PRO A 96 -4.32 7.29 -1.40
C PRO A 96 -3.25 8.39 -1.42
N SER A 97 -2.90 8.86 -2.62
CA SER A 97 -1.97 9.98 -2.74
C SER A 97 -2.31 10.79 -3.98
N ASN A 98 -2.30 12.12 -3.85
CA ASN A 98 -2.53 13.04 -4.98
C ASN A 98 -1.24 13.53 -5.63
N GLN A 99 -0.11 12.90 -5.37
CA GLN A 99 1.18 13.40 -5.83
C GLN A 99 1.52 13.10 -7.31
N PHE A 100 0.68 12.31 -8.00
CA PHE A 100 1.02 11.81 -9.37
C PHE A 100 -0.08 12.23 -10.33
N GLY A 101 0.14 13.34 -11.00
CA GLY A 101 -0.84 13.85 -11.96
C GLY A 101 -2.12 14.40 -11.36
N LYS A 102 -2.11 14.70 -10.06
CA LYS A 102 -3.31 15.13 -9.34
C LYS A 102 -4.47 14.16 -9.61
N GLN A 103 -4.17 12.87 -9.44
CA GLN A 103 -5.12 11.79 -9.73
C GLN A 103 -5.82 11.23 -8.50
N GLU A 104 -5.68 11.91 -7.36
CA GLU A 104 -6.49 11.63 -6.19
C GLU A 104 -6.94 12.91 -5.50
N PRO A 105 -7.75 13.74 -6.19
CA PRO A 105 -8.06 15.05 -5.67
C PRO A 105 -9.15 15.07 -4.59
N GLY A 106 -9.89 13.97 -4.45
CA GLY A 106 -11.09 13.94 -3.61
C GLY A 106 -10.80 13.89 -2.12
N SER A 107 -11.86 14.05 -1.35
CA SER A 107 -11.78 13.93 0.10
C SER A 107 -11.64 12.47 0.53
N ASN A 108 -11.19 12.26 1.77
CA ASN A 108 -11.13 10.89 2.27
C ASN A 108 -12.49 10.20 2.21
N GLU A 109 -13.58 10.91 2.47
CA GLU A 109 -14.94 10.32 2.39
C GLU A 109 -15.27 9.87 0.98
N GLU A 110 -14.92 10.71 0.00
CA GLU A 110 -15.14 10.34 -1.40
C GLU A 110 -14.30 9.14 -1.85
N ILE A 111 -13.04 9.09 -1.41
CA ILE A 111 -12.19 7.95 -1.76
C ILE A 111 -12.72 6.65 -1.12
N LYS A 112 -13.20 6.76 0.12
CA LYS A 112 -13.80 5.62 0.81
C LYS A 112 -14.97 5.04 0.00
N GLU A 113 -15.85 5.91 -0.49
N GLU A 113 -15.84 5.94 -0.45
CA GLU A 113 -16.98 5.46 -1.30
CA GLU A 113 -16.99 5.60 -1.31
C GLU A 113 -16.54 4.91 -2.65
C GLU A 113 -16.56 4.94 -2.63
N PHE A 114 -15.53 5.49 -3.26
CA PHE A 114 -14.96 4.97 -4.48
C PHE A 114 -14.45 3.53 -4.29
N ALA A 115 -13.67 3.28 -3.25
CA ALA A 115 -13.14 1.97 -3.00
C ALA A 115 -14.25 0.98 -2.69
N ALA A 116 -15.29 1.44 -1.97
CA ALA A 116 -16.46 0.58 -1.76
C ALA A 116 -17.16 0.13 -3.06
N GLY A 117 -17.14 0.96 -4.10
CA GLY A 117 -17.68 0.58 -5.40
C GLY A 117 -16.92 -0.55 -6.07
N TYR A 118 -15.67 -0.79 -5.65
CA TYR A 118 -14.92 -1.97 -6.09
C TYR A 118 -14.99 -3.14 -5.08
N ASN A 119 -15.81 -3.02 -4.07
CA ASN A 119 -15.97 -4.06 -3.06
C ASN A 119 -14.71 -4.35 -2.30
N VAL A 120 -13.95 -3.29 -2.02
CA VAL A 120 -12.77 -3.40 -1.21
C VAL A 120 -13.13 -3.75 0.21
N LYS A 121 -12.50 -4.79 0.74
N LYS A 121 -12.48 -4.81 0.72
CA LYS A 121 -12.66 -5.15 2.14
CA LYS A 121 -12.64 -5.26 2.09
C LYS A 121 -11.32 -5.21 2.87
C LYS A 121 -11.33 -5.19 2.87
N PHE A 122 -10.24 -4.81 2.20
CA PHE A 122 -8.95 -4.59 2.86
C PHE A 122 -8.89 -3.16 3.43
N ASP A 123 -7.73 -2.76 3.94
CA ASP A 123 -7.64 -1.56 4.78
C ASP A 123 -7.25 -0.33 3.95
N MET A 124 -8.17 0.62 3.98
CA MET A 124 -7.96 1.95 3.36
C MET A 124 -7.49 2.97 4.35
N PHE A 125 -6.49 3.76 3.96
CA PHE A 125 -5.91 4.79 4.81
C PHE A 125 -6.22 6.20 4.32
N SER A 126 -6.06 7.19 5.21
N SER A 126 -6.00 7.19 5.20
CA SER A 126 -6.19 8.59 4.80
CA SER A 126 -6.12 8.60 4.84
C SER A 126 -5.11 8.98 3.80
C SER A 126 -5.10 8.97 3.78
N LYS A 127 -5.44 9.94 2.92
CA LYS A 127 -4.54 10.39 1.87
C LYS A 127 -3.24 10.95 2.49
N ILE A 128 -2.13 10.67 1.81
CA ILE A 128 -0.80 11.02 2.21
C ILE A 128 0.05 11.50 1.03
N ALA A 129 1.20 12.12 1.34
CA ALA A 129 2.31 12.24 0.41
C ALA A 129 3.23 11.02 0.61
N VAL A 130 3.88 10.61 -0.48
CA VAL A 130 4.81 9.46 -0.49
C VAL A 130 6.24 9.88 -0.83
N ASN A 131 6.42 11.08 -1.42
CA ASN A 131 7.74 11.65 -1.71
C ASN A 131 7.90 13.00 -1.05
N GLY A 132 9.15 13.39 -0.84
CA GLY A 132 9.53 14.67 -0.26
C GLY A 132 9.57 14.61 1.26
N ASP A 133 9.87 15.76 1.85
CA ASP A 133 10.08 15.89 3.28
C ASP A 133 8.81 15.70 4.10
N ASP A 134 7.65 15.86 3.48
CA ASP A 134 6.38 15.73 4.17
C ASP A 134 5.71 14.36 3.91
N ALA A 135 6.44 13.45 3.26
CA ALA A 135 5.94 12.09 3.07
C ALA A 135 5.67 11.39 4.41
N HIS A 136 4.69 10.53 4.42
CA HIS A 136 4.42 9.70 5.59
C HIS A 136 5.70 8.91 5.95
N PRO A 137 6.07 8.88 7.26
CA PRO A 137 7.29 8.17 7.63
C PRO A 137 7.38 6.69 7.23
N LEU A 138 6.26 5.96 7.15
CA LEU A 138 6.35 4.59 6.67
C LEU A 138 6.91 4.56 5.24
N TRP A 139 6.45 5.46 4.39
CA TRP A 139 6.89 5.53 3.00
C TRP A 139 8.34 6.00 2.89
N LYS A 140 8.75 6.96 3.70
CA LYS A 140 10.18 7.34 3.77
C LYS A 140 11.04 6.10 4.09
N TRP A 141 10.55 5.30 5.04
CA TRP A 141 11.28 4.12 5.50
C TRP A 141 11.31 3.02 4.43
N MET A 142 10.16 2.71 3.82
CA MET A 142 10.15 1.62 2.85
C MET A 142 11.11 1.86 1.73
N LYS A 143 11.20 3.10 1.28
CA LYS A 143 12.01 3.46 0.12
C LYS A 143 13.49 3.26 0.31
N ILE A 144 13.95 3.26 1.57
CA ILE A 144 15.41 3.10 1.85
C ILE A 144 15.78 1.68 2.24
N GLN A 145 14.80 0.77 2.29
CA GLN A 145 15.10 -0.61 2.62
C GLN A 145 15.89 -1.30 1.49
N PRO A 146 16.71 -2.33 1.82
CA PRO A 146 17.50 -2.97 0.79
C PRO A 146 16.73 -3.47 -0.42
N LYS A 147 15.52 -3.98 -0.23
CA LYS A 147 14.67 -4.44 -1.35
C LYS A 147 13.56 -3.45 -1.69
N GLY A 148 13.65 -2.22 -1.15
CA GLY A 148 12.66 -1.14 -1.44
C GLY A 148 13.03 -0.10 -2.48
N LYS A 149 14.15 -0.29 -3.14
CA LYS A 149 14.56 0.66 -4.19
C LYS A 149 13.94 0.27 -5.52
N GLY A 150 13.55 1.24 -6.31
CA GLY A 150 13.12 1.02 -7.66
C GLY A 150 14.28 0.88 -8.62
N ILE A 151 13.95 0.54 -9.87
CA ILE A 151 14.97 0.31 -10.88
C ILE A 151 15.77 1.60 -11.17
N LEU A 152 15.13 2.76 -11.18
CA LEU A 152 15.86 4.04 -11.34
C LEU A 152 16.38 4.51 -9.98
N GLY A 153 15.59 4.35 -8.92
CA GLY A 153 15.98 4.83 -7.62
C GLY A 153 14.83 4.77 -6.64
N ASN A 154 15.00 5.46 -5.51
CA ASN A 154 14.10 5.30 -4.37
C ASN A 154 12.74 5.97 -4.58
N ALA A 155 12.68 7.13 -5.22
CA ALA A 155 11.43 7.91 -5.26
C ALA A 155 10.28 7.07 -5.84
N ILE A 156 9.09 7.26 -5.30
CA ILE A 156 7.90 6.63 -5.89
C ILE A 156 7.62 7.33 -7.21
N LYS A 157 7.44 6.60 -8.29
CA LYS A 157 7.38 7.22 -9.62
C LYS A 157 6.00 7.60 -10.07
N TRP A 158 4.97 6.84 -9.67
CA TRP A 158 3.61 7.08 -10.12
C TRP A 158 2.67 6.34 -9.16
N ASN A 159 1.37 6.48 -9.41
CA ASN A 159 0.36 5.72 -8.69
C ASN A 159 0.58 4.23 -8.79
N PHE A 160 0.13 3.49 -7.74
CA PHE A 160 0.14 2.03 -7.73
C PHE A 160 1.53 1.43 -7.77
N THR A 161 2.46 2.02 -7.02
CA THR A 161 3.66 1.25 -6.61
C THR A 161 3.25 0.31 -5.47
N LYS A 162 3.85 -0.87 -5.41
CA LYS A 162 3.50 -1.86 -4.34
C LYS A 162 4.78 -2.31 -3.66
N PHE A 163 4.65 -2.55 -2.34
CA PHE A 163 5.68 -3.19 -1.55
C PHE A 163 5.09 -4.43 -0.88
N LEU A 164 5.80 -5.54 -1.03
CA LEU A 164 5.50 -6.78 -0.30
C LEU A 164 6.30 -6.80 0.98
N ILE A 165 5.60 -7.01 2.09
CA ILE A 165 6.17 -6.93 3.42
C ILE A 165 5.94 -8.28 4.13
N ASP A 166 6.99 -8.80 4.76
CA ASP A 166 6.92 -10.11 5.41
C ASP A 166 6.28 -10.03 6.79
N LYS A 167 6.15 -11.19 7.45
CA LYS A 167 5.43 -11.28 8.72
C LYS A 167 6.11 -10.51 9.84
N ASN A 168 7.42 -10.26 9.66
CA ASN A 168 8.17 -9.46 10.64
C ASN A 168 8.25 -7.97 10.29
N GLY A 169 7.60 -7.57 9.19
CA GLY A 169 7.56 -6.18 8.80
C GLY A 169 8.69 -5.73 7.93
N ALA A 170 9.49 -6.63 7.37
CA ALA A 170 10.60 -6.27 6.48
C ALA A 170 10.10 -6.19 5.06
N VAL A 171 10.69 -5.26 4.29
CA VAL A 171 10.38 -5.19 2.85
C VAL A 171 11.04 -6.36 2.13
N VAL A 172 10.23 -7.11 1.38
CA VAL A 172 10.64 -8.28 0.58
C VAL A 172 10.89 -7.92 -0.87
N LYS A 173 10.02 -7.09 -1.43
CA LYS A 173 10.12 -6.76 -2.86
C LYS A 173 9.27 -5.52 -3.13
N ARG A 174 9.65 -4.81 -4.19
CA ARG A 174 8.95 -3.62 -4.68
C ARG A 174 8.52 -3.89 -6.11
N TYR A 175 7.35 -3.39 -6.47
CA TYR A 175 6.74 -3.56 -7.79
C TYR A 175 6.29 -2.20 -8.30
N GLY A 176 6.70 -1.86 -9.52
CA GLY A 176 6.41 -0.53 -10.03
C GLY A 176 4.97 -0.36 -10.50
N PRO A 177 4.63 0.87 -10.92
CA PRO A 177 3.31 1.22 -11.40
C PRO A 177 2.72 0.34 -12.49
N MET A 178 3.58 -0.20 -13.36
N MET A 178 3.57 -0.19 -13.38
CA MET A 178 3.09 -1.05 -14.45
CA MET A 178 3.10 -1.03 -14.48
C MET A 178 2.85 -2.49 -14.07
C MET A 178 3.04 -2.53 -14.15
N GLU A 179 3.28 -2.91 -12.89
CA GLU A 179 3.14 -4.29 -12.46
C GLU A 179 1.74 -4.52 -11.91
N GLU A 180 0.93 -5.29 -12.63
CA GLU A 180 -0.40 -5.60 -12.15
C GLU A 180 -0.31 -6.40 -10.86
N PRO A 181 -1.26 -6.20 -9.92
CA PRO A 181 -1.15 -6.86 -8.60
C PRO A 181 -1.00 -8.40 -8.68
N LEU A 182 -1.58 -9.03 -9.71
CA LEU A 182 -1.41 -10.49 -9.91
C LEU A 182 0.05 -10.94 -10.03
N VAL A 183 0.96 -10.07 -10.47
CA VAL A 183 2.41 -10.34 -10.49
C VAL A 183 2.93 -10.73 -9.09
N ILE A 184 2.36 -10.07 -8.07
CA ILE A 184 2.81 -10.29 -6.70
C ILE A 184 2.48 -11.72 -6.22
N GLU A 185 1.42 -12.31 -6.74
CA GLU A 185 0.97 -13.66 -6.33
C GLU A 185 2.09 -14.68 -6.33
N LYS A 186 2.95 -14.59 -7.34
CA LYS A 186 4.02 -15.55 -7.56
C LYS A 186 5.05 -15.49 -6.43
N ASP A 187 5.11 -14.35 -5.72
CA ASP A 187 6.08 -14.13 -4.63
C ASP A 187 5.55 -14.38 -3.21
N LEU A 188 4.28 -14.77 -3.11
CA LEU A 188 3.72 -15.16 -1.82
C LEU A 188 4.24 -16.52 -1.37
N PRO A 189 4.17 -16.81 -0.06
CA PRO A 189 4.65 -18.16 0.36
C PRO A 189 3.94 -19.28 -0.40
N HIS A 190 4.66 -20.34 -0.73
CA HIS A 190 4.09 -21.41 -1.58
C HIS A 190 2.81 -22.06 -1.03
N TYR A 191 2.68 -22.05 0.30
CA TYR A 191 1.53 -22.71 0.97
C TYR A 191 0.33 -21.78 1.08
N PHE A 192 0.45 -20.53 0.64
CA PHE A 192 -0.71 -19.63 0.52
C PHE A 192 -1.65 -20.20 -0.56
#